data_5ZVK
#
_entry.id   5ZVK
#
_cell.length_a   60.280
_cell.length_b   60.280
_cell.length_c   175.228
_cell.angle_alpha   90.00
_cell.angle_beta   90.00
_cell.angle_gamma   120.00
#
_symmetry.space_group_name_H-M   'P 31 2 1'
#
loop_
_entity.id
_entity.type
_entity.pdbx_description
1 polymer 'Human Coronavirus MERS HR1 motif'
2 polymer 'pan-CoV inhibitory peptide EK1'
#
loop_
_entity_poly.entity_id
_entity_poly.type
_entity_poly.pdbx_seq_one_letter_code
_entity_poly.pdbx_strand_id
1 'polypeptide(L)' SGITQQVLSENQKLIANKFNQALGAMQTGFTTTNEAFRKVQDAVNNNAQALSKLASELSNTFGAISASIGDIIQRLDVLE A,B,C
2 'polypeptide(L)' SGGRGGSLDQINVTFLDLEYEMKKLEEAIKKLEESYIDLKELGG a,b,c
#
# COMPACT_ATOMS: atom_id res chain seq x y z
N THR A 4 23.07 -38.19 -19.71
CA THR A 4 23.01 -36.92 -19.02
C THR A 4 22.16 -35.91 -19.79
N GLN A 5 21.98 -36.15 -21.08
CA GLN A 5 21.19 -35.25 -21.91
C GLN A 5 19.75 -35.14 -21.40
N GLN A 6 19.11 -36.29 -21.18
CA GLN A 6 17.74 -36.28 -20.67
C GLN A 6 17.67 -35.73 -19.25
N VAL A 7 18.74 -35.90 -18.46
CA VAL A 7 18.78 -35.30 -17.13
C VAL A 7 18.78 -33.79 -17.23
N LEU A 8 19.53 -33.25 -18.20
CA LEU A 8 19.54 -31.80 -18.38
C LEU A 8 18.23 -31.29 -18.96
N SER A 9 17.58 -32.07 -19.81
CA SER A 9 16.28 -31.67 -20.33
C SER A 9 15.23 -31.64 -19.22
N GLU A 10 15.19 -32.69 -18.40
CA GLU A 10 14.28 -32.72 -17.26
C GLU A 10 14.55 -31.55 -16.31
N ASN A 11 15.82 -31.35 -15.97
CA ASN A 11 16.21 -30.19 -15.16
C ASN A 11 15.68 -28.90 -15.75
N GLN A 12 15.91 -28.69 -17.04
CA GLN A 12 15.50 -27.45 -17.71
C GLN A 12 13.99 -27.26 -17.65
N LYS A 13 13.23 -28.32 -17.94
CA LYS A 13 11.78 -28.22 -17.86
C LYS A 13 11.33 -27.84 -16.46
N LEU A 14 11.93 -28.46 -15.43
CA LEU A 14 11.57 -28.11 -14.06
C LEU A 14 11.90 -26.64 -13.77
N ILE A 15 13.05 -26.16 -14.24
CA ILE A 15 13.41 -24.74 -14.09
C ILE A 15 12.31 -23.86 -14.65
N ALA A 16 11.92 -24.11 -15.91
CA ALA A 16 10.89 -23.29 -16.54
C ALA A 16 9.58 -23.37 -15.77
N ASN A 17 9.24 -24.56 -15.27
CA ASN A 17 7.98 -24.73 -14.55
C ASN A 17 7.97 -23.89 -13.28
N LYS A 18 8.99 -24.05 -12.42
CA LYS A 18 9.05 -23.29 -11.18
C LYS A 18 9.07 -21.79 -11.46
N PHE A 19 9.79 -21.38 -12.51
CA PHE A 19 9.80 -19.97 -12.91
C PHE A 19 8.39 -19.48 -13.21
N ASN A 20 7.66 -20.20 -14.08
CA ASN A 20 6.30 -19.80 -14.42
C ASN A 20 5.39 -19.74 -13.20
N GLN A 21 5.50 -20.71 -12.31
CA GLN A 21 4.67 -20.70 -11.10
C GLN A 21 4.93 -19.45 -10.27
N ALA A 22 6.21 -19.19 -9.97
CA ALA A 22 6.55 -17.96 -9.25
C ALA A 22 6.02 -16.73 -9.97
N LEU A 23 6.10 -16.72 -11.31
CA LEU A 23 5.60 -15.59 -12.09
C LEU A 23 4.11 -15.36 -11.84
N GLY A 24 3.30 -16.42 -11.95
CA GLY A 24 1.88 -16.28 -11.67
C GLY A 24 1.61 -15.78 -10.27
N ALA A 25 2.30 -16.35 -9.28
CA ALA A 25 2.13 -15.88 -7.90
C ALA A 25 2.42 -14.38 -7.79
N MET A 26 3.47 -13.92 -8.48
CA MET A 26 3.82 -12.50 -8.41
C MET A 26 2.76 -11.63 -9.08
N GLN A 27 2.25 -12.06 -10.23
CA GLN A 27 1.18 -11.30 -10.89
C GLN A 27 -0.02 -11.15 -9.96
N THR A 28 -0.44 -12.25 -9.33
CA THR A 28 -1.53 -12.16 -8.37
C THR A 28 -1.19 -11.19 -7.24
N GLY A 29 0.05 -11.25 -6.76
CA GLY A 29 0.49 -10.37 -5.68
C GLY A 29 0.39 -8.90 -6.03
N PHE A 30 1.03 -8.49 -7.13
CA PHE A 30 1.00 -7.09 -7.53
C PHE A 30 -0.41 -6.62 -7.86
N THR A 31 -1.21 -7.46 -8.52
CA THR A 31 -2.60 -7.11 -8.77
C THR A 31 -3.33 -6.82 -7.46
N THR A 32 -3.19 -7.72 -6.49
CA THR A 32 -3.83 -7.52 -5.18
C THR A 32 -3.34 -6.23 -4.53
N THR A 33 -2.03 -5.97 -4.57
CA THR A 33 -1.50 -4.73 -4.01
C THR A 33 -2.13 -3.52 -4.69
N ASN A 34 -2.36 -3.59 -6.00
CA ASN A 34 -2.97 -2.49 -6.72
C ASN A 34 -4.39 -2.25 -6.24
N GLU A 35 -5.17 -3.32 -6.12
CA GLU A 35 -6.53 -3.20 -5.60
C GLU A 35 -6.53 -2.56 -4.21
N ALA A 36 -5.63 -3.04 -3.35
CA ALA A 36 -5.50 -2.48 -2.00
C ALA A 36 -5.21 -0.99 -2.06
N PHE A 37 -4.33 -0.57 -2.97
CA PHE A 37 -4.03 0.85 -3.08
C PHE A 37 -5.24 1.65 -3.56
N ARG A 38 -6.06 1.05 -4.43
CA ARG A 38 -7.33 1.68 -4.77
C ARG A 38 -8.18 1.91 -3.53
N LYS A 39 -8.37 0.88 -2.72
CA LYS A 39 -9.21 1.01 -1.53
C LYS A 39 -8.65 2.06 -0.58
N VAL A 40 -7.34 2.06 -0.37
CA VAL A 40 -6.71 3.04 0.53
C VAL A 40 -6.94 4.46 0.00
N GLN A 41 -6.72 4.66 -1.29
CA GLN A 41 -6.91 5.99 -1.87
C GLN A 41 -8.35 6.46 -1.68
N ASP A 42 -9.32 5.59 -1.97
CA ASP A 42 -10.71 6.01 -1.87
C ASP A 42 -11.12 6.28 -0.43
N ALA A 43 -10.58 5.51 0.52
CA ALA A 43 -10.92 5.72 1.92
C ALA A 43 -10.33 7.02 2.44
N VAL A 44 -9.02 7.21 2.26
CA VAL A 44 -8.37 8.45 2.68
C VAL A 44 -9.05 9.65 2.04
N ASN A 45 -9.40 9.55 0.76
CA ASN A 45 -10.04 10.67 0.08
C ASN A 45 -11.42 10.95 0.66
N ASN A 46 -12.22 9.91 0.90
CA ASN A 46 -13.56 10.11 1.45
C ASN A 46 -13.49 10.74 2.84
N ASN A 47 -12.56 10.30 3.68
CA ASN A 47 -12.50 10.84 5.03
C ASN A 47 -11.91 12.24 5.07
N ALA A 48 -10.94 12.53 4.20
CA ALA A 48 -10.47 13.90 4.04
C ALA A 48 -11.61 14.81 3.59
N GLN A 49 -12.44 14.33 2.67
CA GLN A 49 -13.57 15.12 2.18
C GLN A 49 -14.55 15.41 3.32
N ALA A 50 -14.92 14.37 4.07
CA ALA A 50 -15.84 14.57 5.20
C ALA A 50 -15.26 15.55 6.21
N LEU A 51 -13.97 15.41 6.54
CA LEU A 51 -13.33 16.33 7.47
C LEU A 51 -13.42 17.78 6.95
N SER A 52 -13.11 17.98 5.67
CA SER A 52 -13.14 19.32 5.10
C SER A 52 -14.55 19.90 5.12
N LYS A 53 -15.55 19.08 4.86
CA LYS A 53 -16.93 19.55 4.96
C LYS A 53 -17.26 19.96 6.38
N LEU A 54 -16.83 19.17 7.37
CA LEU A 54 -17.08 19.49 8.77
C LEU A 54 -16.48 20.85 9.13
N ALA A 55 -15.18 21.04 8.81
CA ALA A 55 -14.53 22.30 9.11
C ALA A 55 -15.20 23.47 8.42
N SER A 56 -15.53 23.30 7.13
CA SER A 56 -16.15 24.40 6.38
C SER A 56 -17.48 24.81 6.99
N GLU A 57 -18.32 23.83 7.35
CA GLU A 57 -19.62 24.16 7.93
C GLU A 57 -19.46 24.85 9.28
N LEU A 58 -18.60 24.30 10.13
CA LEU A 58 -18.38 24.91 11.45
C LEU A 58 -17.91 26.37 11.30
N SER A 59 -16.95 26.61 10.40
CA SER A 59 -16.42 27.95 10.22
C SER A 59 -17.50 28.90 9.68
N ASN A 60 -18.25 28.46 8.68
CA ASN A 60 -19.28 29.32 8.08
C ASN A 60 -20.32 29.71 9.13
N THR A 61 -20.82 28.74 9.89
CA THR A 61 -21.86 29.06 10.85
C THR A 61 -21.33 29.91 12.01
N PHE A 62 -20.09 29.66 12.44
CA PHE A 62 -19.55 30.46 13.53
C PHE A 62 -19.31 31.90 13.10
N GLY A 63 -18.85 32.10 11.87
CA GLY A 63 -18.78 33.45 11.33
C GLY A 63 -20.15 34.11 11.22
N ALA A 64 -21.14 33.34 10.76
CA ALA A 64 -22.50 33.87 10.66
C ALA A 64 -23.00 34.37 12.01
N ILE A 65 -22.87 33.54 13.05
CA ILE A 65 -23.34 33.95 14.38
C ILE A 65 -22.55 35.13 14.90
N SER A 66 -21.22 35.11 14.74
CA SER A 66 -20.41 36.26 15.12
C SER A 66 -20.95 37.53 14.50
N ALA A 67 -21.29 37.48 13.21
CA ALA A 67 -21.87 38.65 12.54
C ALA A 67 -23.21 39.04 13.15
N SER A 68 -24.13 38.08 13.26
CA SER A 68 -25.51 38.41 13.65
C SER A 68 -25.58 38.94 15.07
N ILE A 69 -25.01 38.22 16.04
CA ILE A 69 -25.01 38.72 17.40
C ILE A 69 -24.13 39.96 17.52
N GLY A 70 -23.12 40.09 16.65
CA GLY A 70 -22.46 41.36 16.53
C GLY A 70 -23.43 42.48 16.24
N ASP A 71 -24.39 42.22 15.34
CA ASP A 71 -25.44 43.20 15.08
C ASP A 71 -26.32 43.39 16.30
N ILE A 72 -26.49 42.33 17.10
CA ILE A 72 -27.21 42.44 18.36
C ILE A 72 -26.50 43.46 19.26
N ILE A 73 -25.19 43.56 19.16
CA ILE A 73 -24.49 44.65 19.82
C ILE A 73 -24.35 45.82 18.86
N THR B 4 18.17 -31.99 -28.64
CA THR B 4 19.61 -31.99 -28.82
C THR B 4 20.28 -30.94 -27.95
N GLN B 5 21.61 -30.97 -27.90
CA GLN B 5 22.37 -30.04 -27.07
C GLN B 5 22.09 -28.59 -27.46
N GLN B 6 22.04 -28.31 -28.77
CA GLN B 6 21.83 -26.95 -29.25
C GLN B 6 20.51 -26.38 -28.76
N VAL B 7 19.44 -27.16 -28.88
CA VAL B 7 18.11 -26.70 -28.48
C VAL B 7 18.08 -26.37 -26.99
N LEU B 8 18.75 -27.18 -26.17
CA LEU B 8 18.78 -26.90 -24.73
C LEU B 8 19.62 -25.68 -24.41
N SER B 9 20.70 -25.44 -25.17
CA SER B 9 21.50 -24.24 -24.94
C SER B 9 20.71 -22.98 -25.28
N GLU B 10 20.14 -22.92 -26.49
CA GLU B 10 19.35 -21.76 -26.88
C GLU B 10 18.16 -21.56 -25.94
N ASN B 11 17.52 -22.66 -25.54
CA ASN B 11 16.42 -22.58 -24.58
C ASN B 11 16.90 -21.96 -23.28
N GLN B 12 18.10 -22.35 -22.81
CA GLN B 12 18.68 -21.73 -21.64
C GLN B 12 18.85 -20.23 -21.84
N LYS B 13 19.30 -19.81 -23.03
CA LYS B 13 19.40 -18.38 -23.32
C LYS B 13 18.05 -17.70 -23.12
N LEU B 14 16.97 -18.32 -23.62
CA LEU B 14 15.64 -17.75 -23.41
C LEU B 14 15.32 -17.67 -21.91
N ILE B 15 15.68 -18.70 -21.15
CA ILE B 15 15.47 -18.70 -19.71
C ILE B 15 16.12 -17.46 -19.07
N ALA B 16 17.40 -17.27 -19.34
CA ALA B 16 18.12 -16.14 -18.73
C ALA B 16 17.52 -14.80 -19.14
N ASN B 17 17.18 -14.64 -20.43
CA ASN B 17 16.64 -13.37 -20.88
C ASN B 17 15.31 -13.05 -20.21
N LYS B 18 14.34 -13.96 -20.30
CA LYS B 18 13.04 -13.72 -19.69
C LYS B 18 13.16 -13.53 -18.18
N PHE B 19 14.07 -14.27 -17.54
CA PHE B 19 14.30 -14.08 -16.11
C PHE B 19 14.74 -12.65 -15.82
N ASN B 20 15.77 -12.16 -16.51
CA ASN B 20 16.23 -10.80 -16.27
C ASN B 20 15.11 -9.78 -16.50
N GLN B 21 14.33 -9.96 -17.57
CA GLN B 21 13.22 -9.05 -17.84
C GLN B 21 12.24 -9.03 -16.66
N ALA B 22 11.83 -10.21 -16.19
CA ALA B 22 10.98 -10.29 -15.02
C ALA B 22 11.60 -9.56 -13.83
N LEU B 23 12.93 -9.68 -13.67
CA LEU B 23 13.60 -8.98 -12.58
C LEU B 23 13.39 -7.47 -12.67
N GLY B 24 13.62 -6.90 -13.86
CA GLY B 24 13.37 -5.48 -14.04
C GLY B 24 11.93 -5.11 -13.71
N ALA B 25 10.98 -5.93 -14.17
CA ALA B 25 9.58 -5.69 -13.82
C ALA B 25 9.39 -5.66 -12.30
N MET B 26 10.08 -6.55 -11.58
CA MET B 26 9.96 -6.59 -10.13
C MET B 26 10.50 -5.32 -9.50
N GLN B 27 11.66 -4.85 -9.98
CA GLN B 27 12.21 -3.60 -9.47
C GLN B 27 11.23 -2.45 -9.66
N THR B 28 10.65 -2.33 -10.85
CA THR B 28 9.66 -1.29 -11.08
C THR B 28 8.46 -1.44 -10.13
N GLY B 29 7.98 -2.66 -9.95
CA GLY B 29 6.85 -2.91 -9.07
C GLY B 29 7.08 -2.50 -7.64
N PHE B 30 8.13 -3.04 -7.01
CA PHE B 30 8.41 -2.72 -5.61
C PHE B 30 8.74 -1.25 -5.43
N THR B 31 9.49 -0.65 -6.37
CA THR B 31 9.76 0.77 -6.30
C THR B 31 8.46 1.58 -6.29
N THR B 32 7.55 1.27 -7.23
CA THR B 32 6.27 1.96 -7.28
C THR B 32 5.49 1.78 -5.97
N THR B 33 5.47 0.56 -5.45
CA THR B 33 4.80 0.31 -4.17
C THR B 33 5.40 1.18 -3.07
N ASN B 34 6.72 1.36 -3.09
CA ASN B 34 7.39 2.18 -2.08
C ASN B 34 6.95 3.64 -2.17
N GLU B 35 6.98 4.20 -3.38
CA GLU B 35 6.53 5.58 -3.56
C GLU B 35 5.07 5.74 -3.14
N ALA B 36 4.22 4.82 -3.56
CA ALA B 36 2.80 4.88 -3.19
C ALA B 36 2.63 4.85 -1.68
N PHE B 37 3.40 4.00 -0.98
CA PHE B 37 3.29 3.96 0.47
C PHE B 37 3.78 5.24 1.11
N ARG B 38 4.78 5.90 0.52
CA ARG B 38 5.16 7.22 1.02
C ARG B 38 4.01 8.22 0.86
N LYS B 39 3.34 8.22 -0.30
CA LYS B 39 2.22 9.12 -0.48
C LYS B 39 1.11 8.84 0.52
N VAL B 40 0.81 7.56 0.76
CA VAL B 40 -0.22 7.21 1.74
C VAL B 40 0.18 7.70 3.13
N GLN B 41 1.43 7.45 3.51
CA GLN B 41 1.89 7.86 4.84
C GLN B 41 1.78 9.38 5.02
N ASP B 42 2.26 10.15 4.05
CA ASP B 42 2.24 11.60 4.20
C ASP B 42 0.81 12.14 4.16
N ALA B 43 -0.07 11.53 3.37
CA ALA B 43 -1.45 12.01 3.32
C ALA B 43 -2.19 11.72 4.62
N VAL B 44 -2.16 10.46 5.07
CA VAL B 44 -2.79 10.09 6.34
C VAL B 44 -2.24 10.94 7.47
N ASN B 45 -0.92 11.16 7.50
CA ASN B 45 -0.32 11.96 8.54
C ASN B 45 -0.79 13.41 8.48
N ASN B 46 -0.81 13.99 7.28
CA ASN B 46 -1.23 15.37 7.13
C ASN B 46 -2.68 15.57 7.57
N ASN B 47 -3.56 14.63 7.21
CA ASN B 47 -4.97 14.79 7.56
C ASN B 47 -5.21 14.50 9.04
N ALA B 48 -4.47 13.58 9.62
CA ALA B 48 -4.50 13.40 11.07
C ALA B 48 -4.07 14.69 11.77
N GLN B 49 -3.04 15.35 11.24
CA GLN B 49 -2.58 16.60 11.83
C GLN B 49 -3.66 17.67 11.75
N ALA B 50 -4.27 17.84 10.57
CA ALA B 50 -5.33 18.83 10.43
C ALA B 50 -6.49 18.53 11.39
N LEU B 51 -6.89 17.27 11.49
CA LEU B 51 -7.95 16.89 12.42
C LEU B 51 -7.59 17.27 13.86
N SER B 52 -6.35 16.95 14.26
CA SER B 52 -5.92 17.26 15.63
C SER B 52 -5.90 18.76 15.89
N LYS B 53 -5.48 19.55 14.90
CA LYS B 53 -5.53 21.00 15.04
C LYS B 53 -6.97 21.48 15.21
N LEU B 54 -7.89 20.94 14.41
CA LEU B 54 -9.29 21.32 14.53
C LEU B 54 -9.83 21.04 15.93
N ALA B 55 -9.65 19.81 16.41
CA ALA B 55 -10.09 19.45 17.76
C ALA B 55 -9.46 20.34 18.80
N SER B 56 -8.16 20.61 18.68
CA SER B 56 -7.48 21.47 19.65
C SER B 56 -8.08 22.88 19.67
N GLU B 57 -8.37 23.44 18.50
CA GLU B 57 -8.95 24.77 18.43
C GLU B 57 -10.32 24.79 19.09
N LEU B 58 -11.18 23.83 18.73
CA LEU B 58 -12.51 23.77 19.31
C LEU B 58 -12.44 23.63 20.84
N SER B 59 -11.59 22.74 21.33
CA SER B 59 -11.51 22.50 22.77
C SER B 59 -11.01 23.72 23.51
N ASN B 60 -9.92 24.33 23.01
CA ASN B 60 -9.36 25.51 23.67
C ASN B 60 -10.36 26.65 23.70
N THR B 61 -11.00 26.93 22.57
CA THR B 61 -11.93 28.06 22.50
C THR B 61 -13.18 27.80 23.33
N PHE B 62 -13.67 26.56 23.35
CA PHE B 62 -14.87 26.26 24.13
C PHE B 62 -14.58 26.33 25.63
N GLY B 63 -13.40 25.87 26.05
CA GLY B 63 -13.00 26.06 27.44
C GLY B 63 -12.88 27.52 27.79
N ALA B 64 -12.30 28.31 26.89
CA ALA B 64 -12.18 29.76 27.10
C ALA B 64 -13.55 30.39 27.31
N ILE B 65 -14.51 30.07 26.44
CA ILE B 65 -15.84 30.67 26.54
C ILE B 65 -16.49 30.25 27.86
N SER B 66 -16.40 28.95 28.18
CA SER B 66 -16.90 28.46 29.46
C SER B 66 -16.36 29.28 30.62
N ALA B 67 -15.05 29.56 30.59
CA ALA B 67 -14.43 30.38 31.62
C ALA B 67 -15.05 31.78 31.66
N SER B 68 -15.13 32.44 30.51
CA SER B 68 -15.55 33.84 30.50
C SER B 68 -17.02 33.99 30.91
N ILE B 69 -17.93 33.41 30.13
CA ILE B 69 -19.35 33.58 30.45
C ILE B 69 -19.67 32.93 31.78
N GLY B 70 -18.91 31.90 32.18
CA GLY B 70 -18.97 31.43 33.55
C GLY B 70 -18.67 32.54 34.54
N ASP B 71 -17.65 33.36 34.24
CA ASP B 71 -17.30 34.48 35.10
C ASP B 71 -18.39 35.54 35.13
N ILE B 72 -19.15 35.68 34.04
CA ILE B 72 -20.23 36.66 34.01
C ILE B 72 -21.21 36.43 35.17
N ILE B 73 -21.47 35.17 35.51
CA ILE B 73 -22.26 34.88 36.70
C ILE B 73 -21.34 34.59 37.88
N THR C 4 30.24 -29.35 -23.76
CA THR C 4 29.26 -28.28 -23.63
C THR C 4 28.25 -28.58 -22.53
N GLN C 5 27.99 -29.88 -22.32
CA GLN C 5 27.03 -30.30 -21.31
C GLN C 5 27.45 -29.83 -19.92
N GLN C 6 28.75 -29.86 -19.63
CA GLN C 6 29.23 -29.45 -18.32
C GLN C 6 29.06 -27.95 -18.10
N VAL C 7 29.48 -27.14 -19.08
CA VAL C 7 29.28 -25.70 -19.00
C VAL C 7 27.80 -25.37 -18.87
N LEU C 8 26.95 -26.14 -19.56
CA LEU C 8 25.52 -25.88 -19.50
C LEU C 8 24.96 -26.25 -18.13
N SER C 9 25.48 -27.30 -17.50
CA SER C 9 25.06 -27.66 -16.15
C SER C 9 25.50 -26.60 -15.14
N GLU C 10 26.73 -26.11 -15.25
CA GLU C 10 27.20 -25.07 -14.35
C GLU C 10 26.36 -23.80 -14.48
N ASN C 11 26.20 -23.32 -15.72
CA ASN C 11 25.33 -22.18 -15.98
C ASN C 11 23.94 -22.40 -15.42
N GLN C 12 23.42 -23.62 -15.58
CA GLN C 12 22.12 -23.96 -15.00
C GLN C 12 22.11 -23.77 -13.50
N LYS C 13 23.17 -24.22 -12.82
CA LYS C 13 23.28 -24.03 -11.37
C LYS C 13 23.26 -22.56 -11.00
N LEU C 14 24.01 -21.73 -11.74
CA LEU C 14 23.99 -20.29 -11.46
C LEU C 14 22.59 -19.71 -11.64
N ILE C 15 21.90 -20.12 -12.71
CA ILE C 15 20.51 -19.68 -12.92
C ILE C 15 19.66 -20.02 -11.71
N ALA C 16 19.71 -21.28 -11.26
CA ALA C 16 18.90 -21.69 -10.12
C ALA C 16 19.23 -20.88 -8.88
N ASN C 17 20.52 -20.62 -8.63
CA ASN C 17 20.91 -19.87 -7.43
C ASN C 17 20.36 -18.46 -7.46
N LYS C 18 20.64 -17.71 -8.54
CA LYS C 18 20.13 -16.34 -8.63
C LYS C 18 18.61 -16.32 -8.56
N PHE C 19 17.97 -17.32 -9.18
CA PHE C 19 16.51 -17.45 -9.09
C PHE C 19 16.05 -17.55 -7.64
N ASN C 20 16.62 -18.48 -6.88
CA ASN C 20 16.23 -18.64 -5.48
C ASN C 20 16.44 -17.36 -4.68
N GLN C 21 17.58 -16.68 -4.90
CA GLN C 21 17.84 -15.44 -4.19
C GLN C 21 16.76 -14.40 -4.50
N ALA C 22 16.46 -14.21 -5.78
CA ALA C 22 15.36 -13.32 -6.16
C ALA C 22 14.06 -13.73 -5.50
N LEU C 23 13.82 -15.05 -5.37
CA LEU C 23 12.62 -15.53 -4.70
C LEU C 23 12.55 -15.03 -3.27
N GLY C 24 13.64 -15.19 -2.51
CA GLY C 24 13.66 -14.66 -1.16
C GLY C 24 13.42 -13.16 -1.11
N ALA C 25 14.07 -12.41 -2.01
CA ALA C 25 13.86 -10.97 -2.04
C ALA C 25 12.38 -10.62 -2.28
N MET C 26 11.72 -11.34 -3.19
CA MET C 26 10.32 -11.04 -3.47
C MET C 26 9.43 -11.39 -2.28
N GLN C 27 9.69 -12.53 -1.63
CA GLN C 27 8.94 -12.89 -0.44
C GLN C 27 9.05 -11.80 0.62
N THR C 28 10.28 -11.31 0.85
CA THR C 28 10.47 -10.19 1.77
C THR C 28 9.64 -8.99 1.33
N GLY C 29 9.64 -8.69 0.03
CA GLY C 29 8.88 -7.58 -0.50
C GLY C 29 7.38 -7.66 -0.24
N PHE C 30 6.75 -8.75 -0.68
CA PHE C 30 5.31 -8.90 -0.50
C PHE C 30 4.93 -8.98 0.96
N THR C 31 5.72 -9.68 1.78
CA THR C 31 5.44 -9.70 3.22
C THR C 31 5.46 -8.29 3.80
N THR C 32 6.50 -7.53 3.48
CA THR C 32 6.60 -6.15 3.94
C THR C 32 5.41 -5.33 3.48
N THR C 33 5.02 -5.47 2.22
CA THR C 33 3.83 -4.77 1.71
C THR C 33 2.59 -5.14 2.51
N ASN C 34 2.48 -6.41 2.90
CA ASN C 34 1.32 -6.84 3.66
C ASN C 34 1.28 -6.17 5.04
N GLU C 35 2.41 -6.19 5.74
CA GLU C 35 2.46 -5.51 7.04
C GLU C 35 2.17 -4.02 6.90
N ALA C 36 2.76 -3.38 5.88
CA ALA C 36 2.50 -1.96 5.64
C ALA C 36 1.01 -1.70 5.42
N PHE C 37 0.34 -2.57 4.67
CA PHE C 37 -1.09 -2.40 4.46
C PHE C 37 -1.87 -2.61 5.75
N ARG C 38 -1.39 -3.50 6.63
CA ARG C 38 -1.98 -3.60 7.96
C ARG C 38 -1.92 -2.25 8.67
N LYS C 39 -0.73 -1.65 8.72
CA LYS C 39 -0.56 -0.38 9.43
C LYS C 39 -1.44 0.72 8.82
N VAL C 40 -1.47 0.79 7.49
CA VAL C 40 -2.30 1.79 6.82
C VAL C 40 -3.76 1.60 7.19
N GLN C 41 -4.25 0.36 7.12
CA GLN C 41 -5.64 0.08 7.46
C GLN C 41 -5.95 0.50 8.89
N ASP C 42 -5.07 0.15 9.83
CA ASP C 42 -5.35 0.46 11.24
C ASP C 42 -5.31 1.97 11.48
N ALA C 43 -4.43 2.69 10.80
CA ALA C 43 -4.34 4.14 10.99
C ALA C 43 -5.56 4.83 10.41
N VAL C 44 -5.90 4.54 9.15
CA VAL C 44 -7.08 5.13 8.53
C VAL C 44 -8.33 4.82 9.35
N ASN C 45 -8.43 3.58 9.86
CA ASN C 45 -9.60 3.21 10.65
C ASN C 45 -9.66 3.99 11.97
N ASN C 46 -8.52 4.08 12.66
CA ASN C 46 -8.50 4.81 13.93
C ASN C 46 -8.87 6.27 13.74
N ASN C 47 -8.35 6.91 12.69
CA ASN C 47 -8.61 8.33 12.49
C ASN C 47 -10.02 8.59 11.99
N ALA C 48 -10.56 7.69 11.15
CA ALA C 48 -11.97 7.77 10.79
C ALA C 48 -12.86 7.62 12.03
N GLN C 49 -12.49 6.71 12.94
CA GLN C 49 -13.25 6.54 14.16
C GLN C 49 -13.24 7.80 15.02
N ALA C 50 -12.05 8.37 15.23
CA ALA C 50 -11.94 9.60 16.02
C ALA C 50 -12.74 10.74 15.38
N LEU C 51 -12.63 10.88 14.06
CA LEU C 51 -13.40 11.91 13.35
C LEU C 51 -14.89 11.72 13.57
N SER C 52 -15.37 10.48 13.43
CA SER C 52 -16.80 10.22 13.60
C SER C 52 -17.25 10.52 15.02
N LYS C 53 -16.42 10.18 16.01
CA LYS C 53 -16.73 10.52 17.39
C LYS C 53 -16.84 12.03 17.56
N LEU C 54 -15.91 12.77 16.97
CA LEU C 54 -15.94 14.23 17.06
C LEU C 54 -17.23 14.79 16.47
N ALA C 55 -17.57 14.38 15.25
CA ALA C 55 -18.78 14.88 14.61
C ALA C 55 -20.02 14.53 15.43
N SER C 56 -20.10 13.29 15.92
CA SER C 56 -21.25 12.90 16.73
C SER C 56 -21.37 13.77 17.98
N GLU C 57 -20.24 14.04 18.64
CA GLU C 57 -20.28 14.86 19.84
C GLU C 57 -20.77 16.27 19.53
N LEU C 58 -20.21 16.89 18.49
CA LEU C 58 -20.63 18.24 18.12
C LEU C 58 -22.13 18.28 17.79
N SER C 59 -22.60 17.34 16.98
CA SER C 59 -24.01 17.36 16.56
C SER C 59 -24.94 17.15 17.74
N ASN C 60 -24.65 16.13 18.58
CA ASN C 60 -25.51 15.85 19.72
C ASN C 60 -25.55 17.04 20.68
N THR C 61 -24.38 17.61 21.00
CA THR C 61 -24.35 18.70 21.97
C THR C 61 -25.03 19.95 21.42
N PHE C 62 -24.89 20.20 20.11
CA PHE C 62 -25.51 21.38 19.52
C PHE C 62 -27.02 21.23 19.47
N GLY C 63 -27.52 20.01 19.21
CA GLY C 63 -28.95 19.77 19.35
C GLY C 63 -29.43 20.01 20.77
N ALA C 64 -28.65 19.52 21.76
CA ALA C 64 -29.01 19.72 23.16
C ALA C 64 -29.12 21.21 23.48
N ILE C 65 -28.12 22.00 23.10
CA ILE C 65 -28.17 23.44 23.38
C ILE C 65 -29.31 24.10 22.62
N SER C 66 -29.50 23.71 21.36
CA SER C 66 -30.63 24.22 20.60
C SER C 66 -31.94 24.07 21.37
N ALA C 67 -32.17 22.88 21.94
CA ALA C 67 -33.36 22.68 22.75
C ALA C 67 -33.36 23.55 24.00
N SER C 68 -32.28 23.49 24.78
CA SER C 68 -32.27 24.11 26.11
C SER C 68 -32.32 25.64 26.03
N ILE C 69 -31.85 26.22 24.95
CA ILE C 69 -31.99 27.66 24.77
C ILE C 69 -33.31 27.99 24.08
N GLY C 70 -33.81 27.08 23.24
CA GLY C 70 -35.16 27.21 22.70
C GLY C 70 -36.23 27.34 23.78
N ASP C 71 -36.11 26.57 24.86
CA ASP C 71 -37.13 26.62 25.91
C ASP C 71 -37.21 27.97 26.60
N ILE C 72 -36.09 28.72 26.66
CA ILE C 72 -36.08 30.01 27.33
C ILE C 72 -37.15 30.93 26.76
N ILE C 73 -37.37 30.87 25.45
CA ILE C 73 -38.46 31.64 24.84
C ILE C 73 -39.70 30.76 24.68
N ASN D 12 -4.47 23.20 4.73
CA ASN D 12 -3.72 22.23 5.51
C ASN D 12 -4.27 20.83 5.31
N VAL D 13 -5.38 20.72 4.59
CA VAL D 13 -6.00 19.43 4.27
C VAL D 13 -5.59 19.06 2.85
N THR D 14 -5.06 17.85 2.68
CA THR D 14 -4.56 17.38 1.40
C THR D 14 -5.29 16.11 0.97
N PHE D 15 -5.34 15.90 -0.34
CA PHE D 15 -5.94 14.71 -0.93
C PHE D 15 -4.84 13.74 -1.35
N LEU D 16 -5.25 12.57 -1.83
CA LEU D 16 -4.32 11.47 -2.10
C LEU D 16 -4.58 10.97 -3.52
N ASP D 17 -3.55 10.99 -4.35
CA ASP D 17 -3.66 10.58 -5.76
C ASP D 17 -2.60 9.53 -6.05
N LEU D 18 -3.03 8.28 -6.24
CA LEU D 18 -2.14 7.18 -6.59
C LEU D 18 -2.37 6.65 -8.00
N GLU D 19 -3.12 7.35 -8.83
CA GLU D 19 -3.50 6.80 -10.14
C GLU D 19 -2.28 6.49 -10.99
N TYR D 20 -1.30 7.40 -10.99
CA TYR D 20 -0.05 7.17 -11.73
C TYR D 20 0.65 5.91 -11.23
N GLU D 21 0.78 5.78 -9.91
CA GLU D 21 1.43 4.61 -9.33
C GLU D 21 0.69 3.33 -9.72
N MET D 22 -0.64 3.36 -9.69
CA MET D 22 -1.41 2.18 -10.05
C MET D 22 -1.22 1.81 -11.50
N LYS D 23 -1.11 2.80 -12.39
CA LYS D 23 -0.79 2.49 -13.78
C LYS D 23 0.61 1.93 -13.94
N LYS D 24 1.56 2.41 -13.12
CA LYS D 24 2.89 1.81 -13.10
C LYS D 24 2.81 0.34 -12.72
N LEU D 25 1.96 0.02 -11.74
CA LEU D 25 1.78 -1.37 -11.34
C LEU D 25 1.16 -2.19 -12.46
N GLU D 26 0.14 -1.63 -13.13
CA GLU D 26 -0.46 -2.31 -14.28
C GLU D 26 0.60 -2.64 -15.32
N GLU D 27 1.46 -1.67 -15.64
CA GLU D 27 2.49 -1.90 -16.64
C GLU D 27 3.48 -2.98 -16.20
N ALA D 28 3.92 -2.92 -14.93
CA ALA D 28 4.83 -3.95 -14.44
C ALA D 28 4.19 -5.34 -14.52
N ILE D 29 2.89 -5.42 -14.20
CA ILE D 29 2.19 -6.70 -14.32
C ILE D 29 2.14 -7.15 -15.78
N LYS D 30 2.02 -6.20 -16.71
CA LYS D 30 2.06 -6.56 -18.12
C LYS D 30 3.42 -7.11 -18.52
N LYS D 31 4.51 -6.48 -18.07
CA LYS D 31 5.84 -7.03 -18.34
C LYS D 31 5.96 -8.45 -17.77
N LEU D 32 5.46 -8.66 -16.54
CA LEU D 32 5.47 -10.00 -15.98
C LEU D 32 4.71 -10.98 -16.87
N GLU D 33 3.54 -10.58 -17.36
CA GLU D 33 2.80 -11.42 -18.29
C GLU D 33 3.59 -11.69 -19.56
N GLU D 34 4.40 -10.72 -19.99
CA GLU D 34 5.26 -10.86 -21.16
C GLU D 34 6.56 -11.58 -20.83
N SER D 35 6.74 -12.05 -19.60
CA SER D 35 7.96 -12.74 -19.20
C SER D 35 7.73 -14.22 -18.96
N TYR D 36 6.65 -14.79 -19.51
CA TYR D 36 6.41 -16.22 -19.38
C TYR D 36 7.33 -17.00 -20.30
N ILE D 37 7.82 -18.13 -19.82
CA ILE D 37 8.86 -18.88 -20.51
C ILE D 37 8.18 -20.00 -21.28
N ASP D 38 8.18 -19.89 -22.60
CA ASP D 38 7.58 -20.92 -23.44
C ASP D 38 8.56 -22.08 -23.61
N LEU D 39 7.99 -23.29 -23.70
CA LEU D 39 8.82 -24.50 -23.73
C LEU D 39 9.79 -24.48 -24.90
N LYS D 40 9.26 -24.32 -26.12
CA LYS D 40 10.06 -24.24 -27.34
C LYS D 40 10.97 -25.46 -27.49
N GLU D 41 10.34 -26.62 -27.55
CA GLU D 41 11.06 -27.87 -27.74
C GLU D 41 10.12 -28.95 -28.29
N GLN E 10 -12.42 5.36 24.66
CA GLN E 10 -11.24 6.22 24.72
C GLN E 10 -10.40 6.10 23.44
N ILE E 11 -10.63 7.03 22.51
CA ILE E 11 -9.92 7.05 21.24
C ILE E 11 -9.19 8.38 21.11
N ASN E 12 -8.14 8.39 20.28
CA ASN E 12 -7.44 9.61 19.96
C ASN E 12 -6.80 9.47 18.59
N VAL E 13 -6.38 10.61 18.04
CA VAL E 13 -5.78 10.65 16.71
C VAL E 13 -4.44 9.92 16.73
N THR E 14 -4.25 9.01 15.77
CA THR E 14 -3.03 8.21 15.69
C THR E 14 -2.34 8.50 14.36
N PHE E 15 -1.02 8.34 14.36
CA PHE E 15 -0.21 8.58 13.18
C PHE E 15 0.22 7.26 12.55
N LEU E 16 0.90 7.37 11.42
CA LEU E 16 1.22 6.22 10.57
C LEU E 16 2.70 6.28 10.24
N ASP E 17 3.43 5.21 10.57
CA ASP E 17 4.88 5.14 10.38
C ASP E 17 5.22 3.91 9.55
N LEU E 18 5.63 4.13 8.29
CA LEU E 18 6.05 3.05 7.41
C LEU E 18 7.54 3.11 7.05
N GLU E 19 8.32 3.91 7.77
CA GLU E 19 9.72 4.10 7.38
C GLU E 19 10.49 2.78 7.42
N TYR E 20 10.18 1.93 8.40
CA TYR E 20 10.81 0.62 8.49
C TYR E 20 10.42 -0.26 7.30
N GLU E 21 9.12 -0.31 7.00
CA GLU E 21 8.65 -1.11 5.87
C GLU E 21 9.25 -0.62 4.55
N MET E 22 9.32 0.68 4.35
CA MET E 22 9.92 1.20 3.13
C MET E 22 11.41 0.91 3.08
N LYS E 23 12.10 0.95 4.23
CA LYS E 23 13.48 0.50 4.28
C LYS E 23 13.60 -0.94 3.80
N LYS E 24 12.71 -1.81 4.26
CA LYS E 24 12.69 -3.19 3.79
C LYS E 24 12.43 -3.27 2.29
N LEU E 25 11.58 -2.40 1.76
CA LEU E 25 11.32 -2.42 0.32
C LEU E 25 12.56 -2.06 -0.48
N GLU E 26 13.27 -1.01 -0.06
CA GLU E 26 14.53 -0.65 -0.73
C GLU E 26 15.54 -1.78 -0.61
N GLU E 27 15.62 -2.40 0.57
CA GLU E 27 16.45 -3.59 0.74
C GLU E 27 16.10 -4.68 -0.27
N ALA E 28 14.80 -4.88 -0.48
CA ALA E 28 14.36 -5.94 -1.39
C ALA E 28 14.69 -5.61 -2.84
N ILE E 29 14.57 -4.35 -3.23
CA ILE E 29 14.94 -4.01 -4.61
C ILE E 29 16.45 -4.08 -4.79
N LYS E 30 17.21 -3.89 -3.71
CA LYS E 30 18.65 -4.10 -3.79
C LYS E 30 18.98 -5.57 -4.00
N LYS E 31 18.34 -6.45 -3.22
CA LYS E 31 18.55 -7.88 -3.40
C LYS E 31 17.91 -8.41 -4.68
N LEU E 32 17.08 -7.61 -5.36
CA LEU E 32 16.67 -7.93 -6.72
C LEU E 32 17.74 -7.52 -7.72
N GLU E 33 18.30 -6.32 -7.55
CA GLU E 33 19.41 -5.87 -8.38
C GLU E 33 20.61 -6.81 -8.28
N GLU E 34 20.75 -7.54 -7.18
CA GLU E 34 21.88 -8.45 -7.00
C GLU E 34 21.71 -9.78 -7.70
N SER E 35 20.61 -10.00 -8.45
CA SER E 35 20.38 -11.27 -9.12
C SER E 35 20.44 -11.17 -10.64
N TYR E 36 21.06 -10.13 -11.18
CA TYR E 36 21.15 -9.98 -12.63
C TYR E 36 22.21 -10.92 -13.20
N ILE E 37 21.92 -11.46 -14.39
CA ILE E 37 22.71 -12.53 -14.99
C ILE E 37 23.42 -11.95 -16.21
N ASP E 38 24.74 -11.90 -16.16
CA ASP E 38 25.52 -11.56 -17.34
C ASP E 38 25.59 -12.78 -18.27
N LEU E 39 25.76 -12.50 -19.57
CA LEU E 39 25.76 -13.55 -20.56
C LEU E 39 26.89 -14.55 -20.33
N LYS E 40 28.13 -14.09 -20.46
CA LYS E 40 29.32 -14.94 -20.27
C LYS E 40 29.28 -16.18 -21.17
N ILE F 11 -19.09 13.61 2.28
CA ILE F 11 -20.51 13.43 2.54
C ILE F 11 -20.72 12.33 3.57
N ASN F 12 -19.67 11.53 3.81
CA ASN F 12 -19.77 10.40 4.71
C ASN F 12 -18.40 10.04 5.22
N VAL F 13 -18.38 9.40 6.39
CA VAL F 13 -17.16 8.80 6.94
C VAL F 13 -17.21 7.31 6.65
N THR F 14 -16.14 6.79 6.04
CA THR F 14 -16.06 5.40 5.63
C THR F 14 -14.86 4.73 6.29
N PHE F 15 -14.97 3.41 6.48
CA PHE F 15 -13.89 2.63 7.05
C PHE F 15 -13.18 1.86 5.94
N LEU F 16 -12.11 1.16 6.31
CA LEU F 16 -11.19 0.57 5.33
C LEU F 16 -10.96 -0.90 5.68
N ASP F 17 -11.23 -1.79 4.72
CA ASP F 17 -11.09 -3.23 4.91
C ASP F 17 -10.21 -3.80 3.80
N LEU F 18 -8.98 -4.18 4.13
CA LEU F 18 -8.06 -4.80 3.19
C LEU F 18 -7.75 -6.26 3.50
N GLU F 19 -8.52 -6.90 4.40
CA GLU F 19 -8.12 -8.23 4.86
C GLU F 19 -8.32 -9.31 3.79
N TYR F 20 -9.24 -9.11 2.84
CA TYR F 20 -9.28 -9.97 1.68
C TYR F 20 -7.98 -9.86 0.89
N GLU F 21 -7.55 -8.62 0.62
CA GLU F 21 -6.31 -8.40 -0.10
C GLU F 21 -5.12 -9.00 0.65
N MET F 22 -5.09 -8.86 1.97
CA MET F 22 -3.99 -9.43 2.75
C MET F 22 -4.02 -10.95 2.69
N LYS F 23 -5.21 -11.55 2.71
CA LYS F 23 -5.34 -12.99 2.53
C LYS F 23 -4.75 -13.42 1.19
N LYS F 24 -5.17 -12.75 0.12
CA LYS F 24 -4.66 -13.08 -1.22
C LYS F 24 -3.14 -12.91 -1.29
N LEU F 25 -2.62 -11.88 -0.62
CA LEU F 25 -1.19 -11.63 -0.63
C LEU F 25 -0.43 -12.74 0.08
N GLU F 26 -0.89 -13.17 1.25
CA GLU F 26 -0.22 -14.27 1.93
C GLU F 26 -0.34 -15.57 1.14
N GLU F 27 -1.47 -15.80 0.46
CA GLU F 27 -1.55 -16.93 -0.46
C GLU F 27 -0.48 -16.83 -1.53
N ALA F 28 -0.26 -15.64 -2.08
CA ALA F 28 0.77 -15.45 -3.10
C ALA F 28 2.16 -15.70 -2.53
N ILE F 29 2.40 -15.29 -1.29
CA ILE F 29 3.71 -15.51 -0.67
C ILE F 29 3.97 -16.99 -0.47
N LYS F 30 2.98 -17.72 0.06
CA LYS F 30 3.14 -19.16 0.20
C LYS F 30 3.38 -19.82 -1.14
N LYS F 31 2.62 -19.42 -2.17
CA LYS F 31 2.87 -19.94 -3.51
C LYS F 31 4.24 -19.56 -4.04
N LEU F 32 4.82 -18.48 -3.52
CA LEU F 32 6.21 -18.13 -3.88
C LEU F 32 7.19 -19.09 -3.22
N GLU F 33 6.98 -19.41 -1.94
CA GLU F 33 7.86 -20.37 -1.27
C GLU F 33 7.71 -21.77 -1.84
N GLU F 34 6.55 -22.09 -2.41
CA GLU F 34 6.34 -23.43 -2.97
C GLU F 34 6.95 -23.58 -4.37
N SER F 35 7.65 -22.56 -4.86
CA SER F 35 8.27 -22.59 -6.18
C SER F 35 9.79 -22.61 -6.11
N TYR F 36 10.37 -23.06 -5.00
CA TYR F 36 11.82 -23.08 -4.86
C TYR F 36 12.43 -24.22 -5.66
N ILE F 37 13.61 -23.96 -6.23
CA ILE F 37 14.19 -24.83 -7.24
C ILE F 37 14.82 -26.11 -6.66
N ASP F 38 15.13 -26.15 -5.36
CA ASP F 38 15.70 -27.29 -4.66
C ASP F 38 17.09 -27.69 -5.19
N LEU F 39 17.65 -26.95 -6.15
CA LEU F 39 18.97 -27.16 -6.74
C LEU F 39 19.32 -28.63 -7.00
N LYS F 40 18.68 -29.23 -8.00
CA LYS F 40 18.97 -30.60 -8.41
C LYS F 40 18.89 -30.75 -9.93
#